data_2D09
#
_entry.id   2D09
#
_cell.length_a   55.000
_cell.length_b   70.935
_cell.length_c   102.950
_cell.angle_alpha   90.00
_cell.angle_beta   90.00
_cell.angle_gamma   90.00
#
_symmetry.space_group_name_H-M   'P 21 21 21'
#
loop_
_entity.id
_entity.type
_entity.pdbx_description
1 polymer 'putative cytochrome P450'
2 non-polymer 'PROTOPORPHYRIN IX CONTAINING FE'
3 non-polymer FLAVIOLIN
4 non-polymer 'OXYGEN MOLECULE'
5 water water
#
_entity_poly.entity_id   1
_entity_poly.type   'polypeptide(L)'
_entity_poly.pdbx_seq_one_letter_code
;MTEETISQAVPPVRDWPAVDLPGSDFDPVLTELMREGPVTRISLPNGEGWAWLVTRHDDVRLVTNDPRFGREAVMDRQVT
RLAPHFIPARGAVGFLDPPDHTRLRRSVAAAFTARGVERVRERSRGMLDELVDAMLRAGPPADLTEAVLSPFPIAVICEL
MGVPATDRHSMHTWTQLILSSSHGAEVSERAKNEMNAYFSDLIGLRSDSAGEDVTSLLGAAVGRDEITLSEAVGLAVLLQ
IGGEAVTNNSGQMFHLLLSRPELAERLRSEPEIRPRAIDELLRWIPHRNAVGLSRIALEDVEIKGVRIRAGDAVYVSYLA
ANRDPEVFPDPDRIDFERSPNPHVSFGFGPHYCPGGMLARLESELLVDAVLDRVPGLKLAVAPEDVPFKKGALIRGPEAL
PVTWAAA
;
_entity_poly.pdbx_strand_id   A
#
loop_
_chem_comp.id
_chem_comp.type
_chem_comp.name
_chem_comp.formula
FLV non-polymer FLAVIOLIN 'C10 H6 O5'
HEM non-polymer 'PROTOPORPHYRIN IX CONTAINING FE' 'C34 H32 Fe N4 O4'
OXY non-polymer 'OXYGEN MOLECULE' O2
#
# COMPACT_ATOMS: atom_id res chain seq x y z
N GLU A 4 6.11 -22.74 -40.66
CA GLU A 4 6.62 -22.18 -39.37
C GLU A 4 6.63 -23.25 -38.28
N THR A 5 7.69 -23.25 -37.49
CA THR A 5 7.84 -24.22 -36.39
C THR A 5 6.80 -23.99 -35.29
N ILE A 6 6.18 -25.07 -34.85
CA ILE A 6 5.17 -24.98 -33.80
C ILE A 6 5.85 -24.84 -32.45
N SER A 7 5.54 -23.75 -31.75
CA SER A 7 6.11 -23.48 -30.44
C SER A 7 5.02 -23.13 -29.44
N GLN A 8 5.33 -23.28 -28.16
CA GLN A 8 4.36 -22.97 -27.11
C GLN A 8 4.54 -21.54 -26.58
N ALA A 9 3.48 -20.73 -26.71
CA ALA A 9 3.52 -19.35 -26.26
C ALA A 9 2.87 -19.19 -24.89
N VAL A 10 2.01 -20.13 -24.53
CA VAL A 10 1.32 -20.08 -23.25
C VAL A 10 2.07 -20.90 -22.20
N PRO A 11 2.65 -20.22 -21.20
CA PRO A 11 3.38 -20.92 -20.14
C PRO A 11 2.45 -21.71 -19.24
N PRO A 12 2.98 -22.73 -18.56
CA PRO A 12 2.16 -23.54 -17.65
C PRO A 12 1.74 -22.70 -16.46
N VAL A 13 0.64 -23.07 -15.82
CA VAL A 13 0.18 -22.34 -14.65
C VAL A 13 1.14 -22.68 -13.51
N ARG A 14 1.61 -21.68 -12.79
CA ARG A 14 2.51 -21.92 -11.66
C ARG A 14 1.75 -21.60 -10.38
N ASP A 15 1.72 -22.55 -9.45
CA ASP A 15 1.02 -22.33 -8.20
C ASP A 15 1.87 -21.40 -7.33
N TRP A 16 1.23 -20.38 -6.78
CA TRP A 16 1.92 -19.41 -5.93
C TRP A 16 1.41 -19.57 -4.50
N PRO A 17 1.90 -20.60 -3.78
CA PRO A 17 1.51 -20.88 -2.40
C PRO A 17 1.83 -19.72 -1.47
N ALA A 18 0.98 -19.52 -0.46
CA ALA A 18 1.17 -18.45 0.51
C ALA A 18 2.37 -18.80 1.39
N VAL A 19 3.42 -17.98 1.31
CA VAL A 19 4.62 -18.19 2.10
C VAL A 19 5.01 -16.92 2.81
N ASP A 20 5.43 -17.04 4.07
CA ASP A 20 5.83 -15.86 4.83
C ASP A 20 7.32 -15.64 4.64
N LEU A 21 7.65 -14.59 3.88
CA LEU A 21 9.03 -14.25 3.59
C LEU A 21 9.72 -13.49 4.71
N PRO A 22 10.99 -13.80 4.99
CA PRO A 22 11.73 -13.11 6.04
C PRO A 22 12.07 -11.67 5.67
N GLY A 23 11.92 -10.76 6.62
CA GLY A 23 12.22 -9.35 6.39
C GLY A 23 11.79 -8.81 5.04
N SER A 24 12.73 -8.22 4.32
CA SER A 24 12.45 -7.63 3.01
C SER A 24 12.98 -8.42 1.82
N ASP A 25 13.24 -9.72 2.02
CA ASP A 25 13.73 -10.55 0.93
C ASP A 25 12.71 -10.61 -0.20
N PHE A 26 13.19 -10.63 -1.43
CA PHE A 26 12.31 -10.67 -2.58
C PHE A 26 11.72 -12.07 -2.71
N ASP A 27 10.47 -12.15 -3.13
CA ASP A 27 9.78 -13.42 -3.28
C ASP A 27 10.42 -14.29 -4.36
N PRO A 28 10.93 -15.48 -3.98
CA PRO A 28 11.58 -16.44 -4.88
C PRO A 28 10.72 -16.79 -6.09
N VAL A 29 9.44 -17.06 -5.85
CA VAL A 29 8.51 -17.41 -6.91
C VAL A 29 8.37 -16.27 -7.93
N LEU A 30 8.19 -15.05 -7.43
CA LEU A 30 8.04 -13.90 -8.31
C LEU A 30 9.27 -13.77 -9.20
N THR A 31 10.46 -13.98 -8.61
CA THR A 31 11.69 -13.90 -9.38
C THR A 31 11.63 -14.88 -10.55
N GLU A 32 11.19 -16.11 -10.27
CA GLU A 32 11.10 -17.13 -11.31
C GLU A 32 10.11 -16.71 -12.40
N LEU A 33 8.94 -16.24 -11.98
CA LEU A 33 7.91 -15.81 -12.91
C LEU A 33 8.45 -14.70 -13.80
N MET A 34 9.20 -13.77 -13.21
CA MET A 34 9.77 -12.66 -13.95
C MET A 34 10.69 -13.12 -15.07
N ARG A 35 11.52 -14.12 -14.80
CA ARG A 35 12.42 -14.61 -15.84
C ARG A 35 11.77 -15.63 -16.76
N GLU A 36 10.65 -16.19 -16.32
CA GLU A 36 9.95 -17.18 -17.13
C GLU A 36 9.40 -16.50 -18.39
N GLY A 37 9.01 -15.23 -18.25
CA GLY A 37 8.47 -14.51 -19.39
C GLY A 37 7.67 -13.28 -18.99
N PRO A 38 7.40 -12.38 -19.94
CA PRO A 38 6.65 -11.14 -19.70
C PRO A 38 5.23 -11.44 -19.23
N VAL A 39 4.63 -12.47 -19.83
CA VAL A 39 3.27 -12.86 -19.49
C VAL A 39 3.22 -14.30 -19.01
N THR A 40 3.00 -14.47 -17.72
CA THR A 40 2.93 -15.80 -17.13
C THR A 40 1.52 -16.04 -16.63
N ARG A 41 1.28 -17.21 -16.05
CA ARG A 41 -0.02 -17.56 -15.52
C ARG A 41 0.22 -18.07 -14.11
N ILE A 42 -0.64 -17.69 -13.17
CA ILE A 42 -0.45 -18.12 -11.79
C ILE A 42 -1.73 -18.64 -11.13
N SER A 43 -1.54 -19.37 -10.04
CA SER A 43 -2.64 -19.92 -9.26
C SER A 43 -2.36 -19.51 -7.82
N LEU A 44 -3.24 -18.71 -7.25
CA LEU A 44 -3.08 -18.24 -5.87
C LEU A 44 -3.86 -19.12 -4.90
N PRO A 45 -3.53 -19.08 -3.60
CA PRO A 45 -4.16 -19.85 -2.52
C PRO A 45 -5.67 -19.92 -2.51
N ASN A 46 -6.35 -18.81 -2.79
CA ASN A 46 -7.80 -18.79 -2.78
C ASN A 46 -8.43 -18.51 -4.13
N GLY A 47 -9.75 -18.57 -4.17
CA GLY A 47 -10.46 -18.36 -5.42
C GLY A 47 -10.31 -19.63 -6.24
N GLU A 48 -10.55 -19.54 -7.54
CA GLU A 48 -10.42 -20.72 -8.40
C GLU A 48 -9.92 -20.37 -9.79
N GLY A 49 -9.22 -21.32 -10.42
CA GLY A 49 -8.70 -21.10 -11.74
C GLY A 49 -7.34 -20.41 -11.71
N TRP A 50 -6.97 -19.81 -12.83
CA TRP A 50 -5.70 -19.10 -12.94
C TRP A 50 -5.94 -17.69 -13.47
N ALA A 51 -4.86 -16.92 -13.55
CA ALA A 51 -4.91 -15.55 -14.07
C ALA A 51 -3.57 -15.21 -14.70
N TRP A 52 -3.57 -14.35 -15.70
CA TRP A 52 -2.33 -13.94 -16.32
C TRP A 52 -1.59 -13.02 -15.36
N LEU A 53 -0.27 -12.94 -15.51
CA LEU A 53 0.55 -12.08 -14.68
C LEU A 53 1.54 -11.34 -15.56
N VAL A 54 1.54 -10.01 -15.45
CA VAL A 54 2.44 -9.16 -16.21
C VAL A 54 3.42 -8.60 -15.19
N THR A 55 4.71 -8.75 -15.45
CA THR A 55 5.74 -8.30 -14.52
C THR A 55 6.67 -7.20 -15.03
N ARG A 56 6.59 -6.88 -16.32
CA ARG A 56 7.44 -5.85 -16.90
C ARG A 56 6.88 -4.44 -16.68
N HIS A 57 7.76 -3.50 -16.35
CA HIS A 57 7.38 -2.11 -16.10
C HIS A 57 6.49 -1.55 -17.21
N ASP A 58 6.84 -1.81 -18.48
CA ASP A 58 6.05 -1.31 -19.59
C ASP A 58 4.68 -1.98 -19.70
N ASP A 59 4.63 -3.30 -19.54
CA ASP A 59 3.36 -4.01 -19.66
C ASP A 59 2.46 -3.76 -18.46
N VAL A 60 3.08 -3.47 -17.31
CA VAL A 60 2.30 -3.18 -16.11
C VAL A 60 1.57 -1.87 -16.31
N ARG A 61 2.26 -0.88 -16.88
CA ARG A 61 1.65 0.42 -17.14
C ARG A 61 0.51 0.26 -18.14
N LEU A 62 0.67 -0.66 -19.09
CA LEU A 62 -0.36 -0.89 -20.10
C LEU A 62 -1.64 -1.47 -19.50
N VAL A 63 -1.49 -2.58 -18.77
CA VAL A 63 -2.63 -3.24 -18.16
C VAL A 63 -3.39 -2.38 -17.15
N THR A 64 -2.66 -1.52 -16.44
CA THR A 64 -3.31 -0.66 -15.45
C THR A 64 -3.83 0.65 -16.01
N ASN A 65 -3.40 1.03 -17.20
CA ASN A 65 -3.87 2.28 -17.79
C ASN A 65 -4.60 2.10 -19.10
N ASP A 66 -5.21 0.94 -19.29
CA ASP A 66 -5.94 0.67 -20.53
C ASP A 66 -7.40 0.30 -20.25
N PRO A 67 -8.34 0.99 -20.90
CA PRO A 67 -9.79 0.78 -20.76
C PRO A 67 -10.26 -0.64 -21.08
N ARG A 68 -9.44 -1.39 -21.80
CA ARG A 68 -9.79 -2.76 -22.18
C ARG A 68 -9.69 -3.72 -21.01
N PHE A 69 -9.24 -3.23 -19.86
CA PHE A 69 -9.14 -4.03 -18.63
C PHE A 69 -9.96 -3.35 -17.55
N GLY A 70 -10.93 -4.07 -16.98
CA GLY A 70 -11.77 -3.49 -15.95
C GLY A 70 -11.74 -4.11 -14.57
N ARG A 71 -12.26 -3.36 -13.60
CA ARG A 71 -12.32 -3.81 -12.21
C ARG A 71 -13.72 -4.27 -11.81
N GLU A 72 -14.73 -3.59 -12.32
CA GLU A 72 -16.11 -3.91 -11.99
C GLU A 72 -16.44 -5.37 -12.27
N ALA A 73 -15.89 -5.92 -13.36
CA ALA A 73 -16.16 -7.30 -13.74
C ALA A 73 -15.47 -8.34 -12.88
N VAL A 74 -14.63 -7.90 -11.94
CA VAL A 74 -13.94 -8.85 -11.06
C VAL A 74 -14.89 -9.37 -9.98
N MET A 75 -15.91 -8.58 -9.66
CA MET A 75 -16.88 -8.94 -8.63
C MET A 75 -17.74 -10.15 -8.96
N ASP A 76 -18.05 -10.34 -10.24
CA ASP A 76 -18.88 -11.47 -10.67
C ASP A 76 -18.29 -12.80 -10.21
N ARG A 77 -17.38 -13.35 -11.01
CA ARG A 77 -16.75 -14.62 -10.66
C ARG A 77 -15.83 -14.39 -9.47
N GLN A 78 -15.04 -15.39 -9.14
CA GLN A 78 -14.10 -15.26 -8.03
C GLN A 78 -12.71 -15.65 -8.50
N VAL A 79 -12.02 -14.66 -9.06
CA VAL A 79 -10.68 -14.83 -9.57
C VAL A 79 -9.76 -15.41 -8.51
N THR A 80 -8.76 -16.17 -8.95
CA THR A 80 -7.80 -16.76 -8.02
C THR A 80 -7.11 -15.57 -7.34
N ARG A 81 -6.99 -15.62 -6.02
CA ARG A 81 -6.35 -14.53 -5.28
C ARG A 81 -5.69 -14.96 -3.98
N LEU A 82 -5.00 -14.01 -3.34
CA LEU A 82 -4.29 -14.27 -2.09
C LEU A 82 -5.24 -14.28 -0.90
N ALA A 83 -5.88 -13.13 -0.65
CA ALA A 83 -6.82 -13.01 0.45
C ALA A 83 -8.04 -13.88 0.16
N PRO A 84 -8.61 -14.53 1.19
CA PRO A 84 -9.79 -15.38 0.98
C PRO A 84 -11.04 -14.56 0.63
N HIS A 85 -11.03 -13.30 1.03
CA HIS A 85 -12.14 -12.38 0.78
C HIS A 85 -11.67 -11.24 -0.11
N PHE A 86 -12.60 -10.40 -0.56
CA PHE A 86 -12.23 -9.24 -1.36
C PHE A 86 -12.23 -8.07 -0.39
N ILE A 87 -11.15 -7.29 -0.38
CA ILE A 87 -11.03 -6.16 0.54
C ILE A 87 -12.02 -5.02 0.30
N PRO A 88 -12.14 -4.53 -0.94
CA PRO A 88 -13.09 -3.43 -1.17
C PRO A 88 -14.56 -3.84 -1.27
N ALA A 89 -15.44 -2.94 -0.84
CA ALA A 89 -16.88 -3.19 -0.88
C ALA A 89 -17.40 -3.11 -2.31
N ARG A 90 -18.62 -3.57 -2.53
CA ARG A 90 -19.21 -3.57 -3.86
C ARG A 90 -19.04 -2.28 -4.65
N GLY A 91 -19.24 -1.13 -4.01
CA GLY A 91 -19.12 0.13 -4.71
C GLY A 91 -17.88 0.95 -4.42
N ALA A 92 -16.88 0.36 -3.79
CA ALA A 92 -15.64 1.05 -3.46
C ALA A 92 -14.87 1.37 -4.75
N VAL A 93 -14.08 2.44 -4.75
CA VAL A 93 -13.32 2.81 -5.94
C VAL A 93 -12.50 1.66 -6.48
N GLY A 94 -12.08 0.77 -5.59
CA GLY A 94 -11.29 -0.38 -6.01
C GLY A 94 -12.02 -1.20 -7.06
N PHE A 95 -13.34 -1.30 -6.93
CA PHE A 95 -14.14 -2.08 -7.87
C PHE A 95 -14.89 -1.24 -8.89
N LEU A 96 -14.49 0.02 -9.06
CA LEU A 96 -15.15 0.89 -10.03
C LEU A 96 -14.30 1.14 -11.27
N ASP A 97 -14.95 1.33 -12.41
CA ASP A 97 -14.23 1.62 -13.65
C ASP A 97 -14.46 3.07 -14.03
N PRO A 98 -13.47 3.68 -14.70
CA PRO A 98 -13.44 5.06 -15.18
C PRO A 98 -14.70 5.90 -15.11
N PRO A 99 -15.75 5.56 -15.87
CA PRO A 99 -16.92 6.44 -15.74
C PRO A 99 -17.16 6.78 -14.26
N ASP A 100 -17.75 5.85 -13.53
CA ASP A 100 -18.04 6.04 -12.12
C ASP A 100 -16.77 6.28 -11.28
N HIS A 101 -15.69 5.59 -11.61
CA HIS A 101 -14.44 5.74 -10.87
C HIS A 101 -13.87 7.16 -10.91
N THR A 102 -13.90 7.79 -12.08
CA THR A 102 -13.38 9.14 -12.25
C THR A 102 -14.18 10.13 -11.40
N ARG A 103 -15.48 9.92 -11.36
CA ARG A 103 -16.40 10.77 -10.62
C ARG A 103 -16.04 10.71 -9.13
N LEU A 104 -15.83 9.51 -8.62
CA LEU A 104 -15.50 9.33 -7.21
C LEU A 104 -14.14 9.91 -6.82
N ARG A 105 -13.10 9.58 -7.57
CA ARG A 105 -11.76 10.09 -7.25
C ARG A 105 -11.75 11.62 -7.27
N ARG A 106 -12.52 12.21 -8.17
CA ARG A 106 -12.61 13.66 -8.29
C ARG A 106 -13.09 14.33 -7.00
N SER A 107 -14.05 13.70 -6.32
CA SER A 107 -14.62 14.26 -5.09
C SER A 107 -13.64 14.53 -3.94
N VAL A 108 -12.49 13.86 -3.92
CA VAL A 108 -11.52 14.05 -2.84
C VAL A 108 -10.09 14.34 -3.30
N ALA A 109 -9.87 14.34 -4.61
CA ALA A 109 -8.52 14.58 -5.14
C ALA A 109 -7.78 15.79 -4.59
N ALA A 110 -8.50 16.88 -4.31
CA ALA A 110 -7.86 18.09 -3.79
C ALA A 110 -7.16 17.90 -2.44
N ALA A 111 -7.67 16.98 -1.65
CA ALA A 111 -7.10 16.71 -0.33
C ALA A 111 -5.82 15.90 -0.37
N PHE A 112 -5.55 15.27 -1.51
CA PHE A 112 -4.38 14.40 -1.60
C PHE A 112 -3.22 14.80 -2.51
N THR A 113 -3.30 15.98 -3.11
CA THR A 113 -2.21 16.43 -3.97
C THR A 113 -1.03 16.87 -3.11
N ALA A 114 0.12 17.09 -3.74
CA ALA A 114 1.31 17.52 -2.99
C ALA A 114 0.96 18.76 -2.17
N ARG A 115 0.23 19.70 -2.78
CA ARG A 115 -0.17 20.92 -2.10
C ARG A 115 -1.20 20.63 -1.01
N GLY A 116 -2.09 19.67 -1.30
CA GLY A 116 -3.12 19.28 -0.36
C GLY A 116 -2.58 18.70 0.95
N VAL A 117 -1.66 17.74 0.86
CA VAL A 117 -1.11 17.13 2.08
C VAL A 117 -0.08 18.03 2.76
N GLU A 118 0.56 18.92 2.01
CA GLU A 118 1.54 19.80 2.65
C GLU A 118 0.84 20.67 3.69
N ARG A 119 -0.48 20.83 3.59
CA ARG A 119 -1.24 21.64 4.53
C ARG A 119 -1.29 21.03 5.92
N VAL A 120 -1.10 19.71 6.02
CA VAL A 120 -1.15 19.04 7.32
C VAL A 120 0.27 18.73 7.81
N ARG A 121 1.25 19.19 7.04
CA ARG A 121 2.67 19.00 7.30
C ARG A 121 3.09 19.36 8.72
N GLU A 122 3.01 20.65 9.05
CA GLU A 122 3.40 21.10 10.37
C GLU A 122 2.60 20.40 11.47
N ARG A 123 1.27 20.38 11.33
CA ARG A 123 0.43 19.72 12.31
C ARG A 123 0.89 18.27 12.56
N SER A 124 1.11 17.53 11.48
CA SER A 124 1.55 16.15 11.61
C SER A 124 2.88 16.08 12.34
N ARG A 125 3.80 16.97 11.99
CA ARG A 125 5.11 16.98 12.63
C ARG A 125 4.93 17.08 14.15
N GLY A 126 3.97 17.88 14.57
CA GLY A 126 3.70 18.05 15.99
C GLY A 126 3.22 16.78 16.65
N MET A 127 2.27 16.10 16.01
CA MET A 127 1.73 14.84 16.53
C MET A 127 2.86 13.83 16.66
N LEU A 128 3.74 13.80 15.66
CA LEU A 128 4.86 12.87 15.67
C LEU A 128 5.85 13.17 16.80
N ASP A 129 6.12 14.43 17.07
CA ASP A 129 7.07 14.76 18.13
C ASP A 129 6.51 14.33 19.48
N GLU A 130 5.19 14.39 19.63
CA GLU A 130 4.54 13.97 20.87
C GLU A 130 4.78 12.48 21.08
N LEU A 131 4.59 11.69 20.02
CA LEU A 131 4.80 10.25 20.10
C LEU A 131 6.27 9.90 20.38
N VAL A 132 7.20 10.56 19.69
CA VAL A 132 8.61 10.28 19.91
C VAL A 132 9.00 10.74 21.32
N ASP A 133 8.47 11.88 21.73
CA ASP A 133 8.76 12.41 23.06
C ASP A 133 8.34 11.43 24.16
N ALA A 134 7.23 10.73 23.94
CA ALA A 134 6.73 9.75 24.90
C ALA A 134 7.59 8.50 24.92
N MET A 135 8.07 8.10 23.75
CA MET A 135 8.93 6.92 23.68
C MET A 135 10.23 7.27 24.40
N LEU A 136 10.76 8.46 24.14
CA LEU A 136 11.99 8.91 24.78
C LEU A 136 11.85 8.97 26.29
N ARG A 137 10.69 9.44 26.74
CA ARG A 137 10.44 9.56 28.16
C ARG A 137 10.30 8.21 28.87
N ALA A 138 9.69 7.24 28.19
CA ALA A 138 9.49 5.92 28.78
C ALA A 138 10.78 5.12 28.94
N GLY A 139 11.83 5.48 28.20
CA GLY A 139 13.08 4.76 28.31
C GLY A 139 13.35 3.88 27.10
N PRO A 140 14.61 3.81 26.66
CA PRO A 140 15.09 3.03 25.50
C PRO A 140 14.32 1.77 25.09
N PRO A 141 14.47 0.67 25.84
CA PRO A 141 13.74 -0.55 25.44
C PRO A 141 12.36 -0.23 24.84
N ALA A 142 12.20 -0.35 23.53
CA ALA A 142 10.90 -0.07 22.91
C ALA A 142 10.64 -0.74 21.58
N ASP A 143 9.37 -0.77 21.19
CA ASP A 143 8.95 -1.34 19.91
C ASP A 143 8.63 -0.14 19.04
N LEU A 144 9.51 0.19 18.11
CA LEU A 144 9.29 1.36 17.27
C LEU A 144 7.95 1.34 16.55
N THR A 145 7.47 0.15 16.18
CA THR A 145 6.19 0.04 15.50
C THR A 145 5.03 0.39 16.43
N GLU A 146 5.04 -0.21 17.62
CA GLU A 146 3.98 0.05 18.60
C GLU A 146 4.05 1.48 19.12
N ALA A 147 5.26 1.99 19.31
CA ALA A 147 5.45 3.34 19.83
C ALA A 147 5.27 4.50 18.84
N VAL A 148 5.64 4.28 17.58
CA VAL A 148 5.58 5.35 16.59
C VAL A 148 5.05 5.02 15.20
N LEU A 149 5.57 3.94 14.60
CA LEU A 149 5.16 3.60 13.25
C LEU A 149 3.68 3.28 13.09
N SER A 150 3.06 2.72 14.12
CA SER A 150 1.65 2.41 14.04
C SER A 150 0.80 3.64 14.40
N PRO A 151 1.05 4.23 15.59
CA PRO A 151 0.32 5.41 16.07
C PRO A 151 0.28 6.62 15.12
N PHE A 152 1.45 7.01 14.63
CA PHE A 152 1.56 8.17 13.76
C PHE A 152 0.69 8.11 12.51
N PRO A 153 0.83 7.05 11.70
CA PRO A 153 0.01 6.95 10.48
C PRO A 153 -1.49 6.90 10.82
N ILE A 154 -1.83 6.25 11.93
CA ILE A 154 -3.22 6.15 12.36
C ILE A 154 -3.78 7.54 12.69
N ALA A 155 -3.01 8.31 13.45
CA ALA A 155 -3.44 9.66 13.82
C ALA A 155 -3.56 10.56 12.62
N VAL A 156 -2.59 10.48 11.70
CA VAL A 156 -2.62 11.33 10.50
C VAL A 156 -3.84 11.05 9.64
N ILE A 157 -4.08 9.79 9.29
CA ILE A 157 -5.23 9.49 8.45
C ILE A 157 -6.55 9.76 9.16
N CYS A 158 -6.63 9.55 10.47
CA CYS A 158 -7.88 9.84 11.17
C CYS A 158 -8.16 11.35 11.18
N GLU A 159 -7.11 12.15 11.37
CA GLU A 159 -7.31 13.60 11.38
C GLU A 159 -7.72 14.07 9.99
N LEU A 160 -7.12 13.49 8.96
CA LEU A 160 -7.45 13.88 7.59
C LEU A 160 -8.88 13.46 7.24
N MET A 161 -9.27 12.27 7.68
CA MET A 161 -10.60 11.73 7.40
C MET A 161 -11.70 12.38 8.25
N GLY A 162 -11.31 12.92 9.40
CA GLY A 162 -12.28 13.55 10.28
C GLY A 162 -12.81 12.57 11.30
N VAL A 163 -12.00 11.54 11.60
CA VAL A 163 -12.36 10.51 12.56
C VAL A 163 -11.91 10.98 13.95
N PRO A 164 -12.83 10.97 14.93
CA PRO A 164 -12.49 11.41 16.29
C PRO A 164 -11.36 10.60 16.91
N ALA A 165 -10.51 11.26 17.68
CA ALA A 165 -9.38 10.59 18.32
C ALA A 165 -9.83 9.37 19.14
N THR A 166 -11.03 9.43 19.68
CA THR A 166 -11.54 8.31 20.49
C THR A 166 -11.86 7.06 19.69
N ASP A 167 -11.94 7.20 18.37
CA ASP A 167 -12.26 6.05 17.51
C ASP A 167 -11.06 5.51 16.74
N ARG A 168 -9.88 6.09 16.97
CA ARG A 168 -8.69 5.64 16.26
C ARG A 168 -8.39 4.19 16.59
N HIS A 169 -8.67 3.77 17.82
CA HIS A 169 -8.43 2.39 18.21
C HIS A 169 -9.29 1.44 17.39
N SER A 170 -10.55 1.82 17.16
CA SER A 170 -11.46 1.00 16.37
C SER A 170 -10.97 0.90 14.93
N MET A 171 -10.58 2.04 14.37
CA MET A 171 -10.08 2.06 13.00
C MET A 171 -8.94 1.06 12.84
N HIS A 172 -8.00 1.10 13.77
CA HIS A 172 -6.86 0.19 13.70
C HIS A 172 -7.26 -1.28 13.73
N THR A 173 -8.08 -1.65 14.70
CA THR A 173 -8.52 -3.04 14.82
C THR A 173 -9.15 -3.57 13.55
N TRP A 174 -10.14 -2.84 13.04
CA TRP A 174 -10.83 -3.27 11.84
C TRP A 174 -9.88 -3.40 10.65
N THR A 175 -9.10 -2.35 10.41
CA THR A 175 -8.15 -2.34 9.30
C THR A 175 -7.24 -3.57 9.29
N GLN A 176 -6.66 -3.88 10.44
CA GLN A 176 -5.76 -5.01 10.51
C GLN A 176 -6.45 -6.37 10.38
N LEU A 177 -7.74 -6.42 10.64
CA LEU A 177 -8.47 -7.68 10.48
C LEU A 177 -8.78 -7.84 8.99
N ILE A 178 -9.13 -6.72 8.34
CA ILE A 178 -9.45 -6.73 6.92
C ILE A 178 -8.20 -7.03 6.11
N LEU A 179 -7.05 -6.63 6.62
CA LEU A 179 -5.77 -6.88 5.96
C LEU A 179 -5.06 -7.97 6.73
N SER A 180 -5.74 -8.52 7.75
CA SER A 180 -5.20 -9.57 8.60
C SER A 180 -4.89 -10.81 7.79
N SER A 181 -3.99 -10.66 6.82
CA SER A 181 -3.61 -11.76 5.94
C SER A 181 -4.89 -12.26 5.32
N SER A 182 -5.99 -11.63 5.71
CA SER A 182 -7.32 -11.99 5.25
C SER A 182 -7.64 -13.42 5.67
N HIS A 183 -6.67 -14.32 5.54
CA HIS A 183 -6.83 -15.70 5.93
C HIS A 183 -6.49 -15.87 7.40
N GLY A 184 -6.06 -14.78 8.04
CA GLY A 184 -5.74 -14.85 9.45
C GLY A 184 -7.01 -15.18 10.20
N ALA A 185 -8.12 -15.24 9.46
CA ALA A 185 -9.43 -15.56 9.98
C ALA A 185 -10.46 -15.36 8.87
N GLU A 186 -11.66 -14.94 9.25
CA GLU A 186 -12.72 -14.66 8.29
C GLU A 186 -13.67 -13.63 8.87
N VAL A 187 -13.16 -12.92 9.87
CA VAL A 187 -13.93 -11.88 10.51
C VAL A 187 -13.68 -10.66 9.63
N SER A 188 -12.80 -10.85 8.64
CA SER A 188 -12.43 -9.81 7.69
C SER A 188 -13.68 -9.23 7.05
N GLU A 189 -14.63 -10.10 6.69
CA GLU A 189 -15.87 -9.65 6.10
C GLU A 189 -16.68 -8.85 7.12
N ARG A 190 -16.74 -9.36 8.34
CA ARG A 190 -17.46 -8.66 9.41
C ARG A 190 -16.77 -7.32 9.71
N ALA A 191 -15.44 -7.34 9.72
CA ALA A 191 -14.68 -6.12 9.98
C ALA A 191 -15.10 -5.07 8.96
N LYS A 192 -15.13 -5.46 7.68
CA LYS A 192 -15.54 -4.55 6.63
C LYS A 192 -16.92 -3.96 6.93
N ASN A 193 -17.91 -4.84 7.14
CA ASN A 193 -19.27 -4.38 7.42
C ASN A 193 -19.31 -3.35 8.53
N GLU A 194 -18.57 -3.61 9.61
CA GLU A 194 -18.54 -2.68 10.71
C GLU A 194 -17.87 -1.37 10.30
N MET A 195 -16.86 -1.45 9.43
CA MET A 195 -16.20 -0.22 9.00
C MET A 195 -17.17 0.59 8.12
N ASN A 196 -17.87 -0.09 7.22
CA ASN A 196 -18.83 0.58 6.34
C ASN A 196 -19.87 1.30 7.20
N ALA A 197 -20.45 0.57 8.14
CA ALA A 197 -21.47 1.13 9.03
C ALA A 197 -20.96 2.39 9.73
N TYR A 198 -19.71 2.33 10.17
CA TYR A 198 -19.06 3.45 10.86
C TYR A 198 -18.95 4.71 10.00
N PHE A 199 -18.49 4.56 8.76
CA PHE A 199 -18.34 5.74 7.90
C PHE A 199 -19.66 6.20 7.32
N SER A 200 -20.62 5.29 7.22
CA SER A 200 -21.94 5.64 6.74
C SER A 200 -22.48 6.65 7.76
N ASP A 201 -22.34 6.31 9.05
CA ASP A 201 -22.81 7.20 10.10
C ASP A 201 -22.05 8.52 10.09
N LEU A 202 -20.71 8.45 10.08
CA LEU A 202 -19.88 9.65 10.10
C LEU A 202 -20.19 10.60 8.94
N ILE A 203 -20.27 10.05 7.73
CA ILE A 203 -20.55 10.86 6.56
C ILE A 203 -21.92 11.52 6.67
N GLY A 204 -22.90 10.81 7.20
CA GLY A 204 -24.21 11.40 7.34
C GLY A 204 -24.29 12.24 8.61
N LEU A 205 -23.60 11.79 9.64
CA LEU A 205 -23.58 12.45 10.95
C LEU A 205 -22.79 13.75 11.01
N ARG A 206 -23.51 14.86 11.15
CA ARG A 206 -22.91 16.19 11.26
C ARG A 206 -22.09 16.62 10.05
N SER A 207 -21.16 15.76 9.65
CA SER A 207 -20.30 16.04 8.51
C SER A 207 -21.09 16.46 7.28
N ASP A 208 -22.40 16.30 7.35
CA ASP A 208 -23.29 16.70 6.26
C ASP A 208 -23.42 18.21 6.24
N SER A 209 -22.30 18.90 6.49
CA SER A 209 -22.26 20.35 6.49
C SER A 209 -20.88 20.87 6.06
N ALA A 210 -20.28 21.73 6.87
CA ALA A 210 -18.97 22.30 6.56
C ALA A 210 -17.83 21.42 7.06
N GLY A 211 -16.61 21.82 6.74
CA GLY A 211 -15.44 21.06 7.15
C GLY A 211 -14.44 20.91 6.01
N GLU A 212 -13.18 20.63 6.37
CA GLU A 212 -12.13 20.47 5.37
C GLU A 212 -11.65 19.02 5.31
N ASP A 213 -12.03 18.24 6.32
CA ASP A 213 -11.67 16.83 6.39
C ASP A 213 -12.40 16.08 5.28
N VAL A 214 -11.86 14.92 4.90
CA VAL A 214 -12.43 14.14 3.81
C VAL A 214 -13.87 13.64 4.00
N THR A 215 -14.26 13.20 5.19
CA THR A 215 -15.63 12.73 5.35
C THR A 215 -16.58 13.91 5.19
N SER A 216 -16.14 15.11 5.58
CA SER A 216 -16.99 16.29 5.42
C SER A 216 -17.14 16.57 3.91
N LEU A 217 -16.03 16.50 3.19
CA LEU A 217 -16.05 16.73 1.74
C LEU A 217 -16.96 15.71 1.06
N LEU A 218 -16.88 14.46 1.51
CA LEU A 218 -17.70 13.40 0.96
C LEU A 218 -19.16 13.68 1.35
N GLY A 219 -19.37 14.09 2.59
CA GLY A 219 -20.72 14.41 3.03
C GLY A 219 -21.31 15.48 2.12
N ALA A 220 -20.50 16.48 1.79
CA ALA A 220 -20.95 17.57 0.93
C ALA A 220 -21.34 17.03 -0.45
N ALA A 221 -20.48 16.21 -1.04
CA ALA A 221 -20.71 15.63 -2.37
C ALA A 221 -21.97 14.79 -2.42
N VAL A 222 -22.21 14.00 -1.36
CA VAL A 222 -23.41 13.19 -1.32
C VAL A 222 -24.61 14.15 -1.26
N GLY A 223 -24.46 15.21 -0.47
CA GLY A 223 -25.52 16.19 -0.34
C GLY A 223 -25.88 16.84 -1.67
N ARG A 224 -24.88 17.02 -2.53
CA ARG A 224 -25.09 17.63 -3.84
C ARG A 224 -25.47 16.62 -4.92
N ASP A 225 -25.68 15.36 -4.54
CA ASP A 225 -26.04 14.32 -5.50
C ASP A 225 -24.95 14.12 -6.56
N GLU A 226 -23.70 14.29 -6.16
CA GLU A 226 -22.58 14.11 -7.07
C GLU A 226 -22.11 12.67 -6.98
N ILE A 227 -22.23 12.11 -5.78
CA ILE A 227 -21.86 10.72 -5.52
C ILE A 227 -22.90 10.17 -4.55
N THR A 228 -23.04 8.84 -4.52
CA THR A 228 -24.01 8.21 -3.62
C THR A 228 -23.32 7.91 -2.29
N LEU A 229 -24.11 7.61 -1.26
CA LEU A 229 -23.54 7.31 0.04
C LEU A 229 -22.67 6.04 -0.02
N SER A 230 -23.13 5.02 -0.75
CA SER A 230 -22.39 3.78 -0.87
C SER A 230 -21.02 4.03 -1.51
N GLU A 231 -20.99 4.87 -2.54
CA GLU A 231 -19.74 5.19 -3.22
C GLU A 231 -18.84 5.93 -2.24
N ALA A 232 -19.41 6.91 -1.56
CA ALA A 232 -18.65 7.69 -0.60
C ALA A 232 -18.08 6.81 0.51
N VAL A 233 -18.88 5.88 1.02
CA VAL A 233 -18.44 5.00 2.09
C VAL A 233 -17.31 4.06 1.64
N GLY A 234 -17.49 3.46 0.47
CA GLY A 234 -16.48 2.55 -0.05
C GLY A 234 -15.14 3.23 -0.21
N LEU A 235 -15.17 4.47 -0.67
CA LEU A 235 -13.95 5.24 -0.85
C LEU A 235 -13.38 5.63 0.51
N ALA A 236 -14.25 6.05 1.43
CA ALA A 236 -13.76 6.43 2.76
C ALA A 236 -13.07 5.25 3.45
N VAL A 237 -13.68 4.09 3.39
CA VAL A 237 -13.11 2.90 4.01
C VAL A 237 -11.76 2.51 3.40
N LEU A 238 -11.66 2.55 2.08
CA LEU A 238 -10.41 2.20 1.42
C LEU A 238 -9.31 3.21 1.79
N LEU A 239 -9.69 4.46 2.00
CA LEU A 239 -8.72 5.49 2.37
C LEU A 239 -8.27 5.27 3.82
N GLN A 240 -9.22 4.93 4.68
CA GLN A 240 -8.94 4.70 6.08
C GLN A 240 -8.01 3.51 6.26
N ILE A 241 -8.29 2.41 5.58
CA ILE A 241 -7.42 1.23 5.71
C ILE A 241 -6.07 1.53 5.06
N GLY A 242 -6.10 2.19 3.91
CA GLY A 242 -4.87 2.52 3.21
C GLY A 242 -3.93 3.40 4.02
N GLY A 243 -4.51 4.25 4.88
CA GLY A 243 -3.68 5.13 5.68
C GLY A 243 -2.61 4.43 6.50
N GLU A 244 -2.94 3.24 6.98
CA GLU A 244 -2.01 2.48 7.80
C GLU A 244 -0.91 1.76 7.04
N ALA A 245 -0.93 1.84 5.72
CA ALA A 245 0.08 1.18 4.91
C ALA A 245 1.47 1.74 5.18
N VAL A 246 1.52 2.97 5.67
CA VAL A 246 2.79 3.62 5.99
C VAL A 246 3.43 2.95 7.19
N THR A 247 2.61 2.37 8.06
CA THR A 247 3.14 1.69 9.25
C THR A 247 4.03 0.54 8.79
N ASN A 248 3.48 -0.33 7.94
CA ASN A 248 4.21 -1.48 7.42
C ASN A 248 5.40 -1.08 6.56
N ASN A 249 5.19 -0.14 5.65
CA ASN A 249 6.23 0.28 4.74
C ASN A 249 7.39 0.99 5.43
N SER A 250 7.09 1.97 6.28
CA SER A 250 8.16 2.68 6.97
C SER A 250 8.89 1.70 7.89
N GLY A 251 8.15 0.71 8.39
CA GLY A 251 8.74 -0.30 9.24
C GLY A 251 9.83 -1.03 8.47
N GLN A 252 9.59 -1.29 7.20
CA GLN A 252 10.59 -1.94 6.37
C GLN A 252 11.73 -0.97 6.12
N MET A 253 11.39 0.31 5.97
CA MET A 253 12.39 1.34 5.75
C MET A 253 13.39 1.39 6.90
N PHE A 254 12.89 1.46 8.13
CA PHE A 254 13.79 1.52 9.27
C PHE A 254 14.54 0.21 9.55
N HIS A 255 13.90 -0.93 9.28
CA HIS A 255 14.60 -2.18 9.49
C HIS A 255 15.77 -2.21 8.50
N LEU A 256 15.52 -1.73 7.29
CA LEU A 256 16.54 -1.68 6.26
C LEU A 256 17.64 -0.71 6.68
N LEU A 257 17.26 0.52 7.00
CA LEU A 257 18.22 1.54 7.41
C LEU A 257 19.11 1.06 8.55
N LEU A 258 18.51 0.47 9.57
CA LEU A 258 19.24 -0.01 10.74
C LEU A 258 20.06 -1.27 10.46
N SER A 259 19.78 -1.93 9.35
CA SER A 259 20.50 -3.14 8.99
C SER A 259 21.70 -2.79 8.13
N ARG A 260 21.65 -1.62 7.52
CA ARG A 260 22.74 -1.15 6.66
C ARG A 260 23.24 0.21 7.13
N PRO A 261 24.23 0.22 8.02
CA PRO A 261 24.83 1.43 8.58
C PRO A 261 25.19 2.52 7.57
N GLU A 262 25.63 2.11 6.38
CA GLU A 262 26.00 3.06 5.35
C GLU A 262 24.79 3.89 4.91
N LEU A 263 23.65 3.25 4.78
CA LEU A 263 22.44 3.94 4.36
C LEU A 263 21.98 4.89 5.46
N ALA A 264 22.04 4.43 6.69
CA ALA A 264 21.63 5.24 7.84
C ALA A 264 22.55 6.44 8.04
N GLU A 265 23.85 6.23 7.88
CA GLU A 265 24.82 7.30 8.04
C GLU A 265 24.65 8.37 6.98
N ARG A 266 24.35 7.94 5.75
CA ARG A 266 24.17 8.91 4.68
C ARG A 266 22.97 9.81 4.93
N LEU A 267 21.88 9.25 5.42
CA LEU A 267 20.67 10.03 5.69
C LEU A 267 20.84 10.93 6.90
N ARG A 268 21.62 10.47 7.86
CA ARG A 268 21.89 11.24 9.08
C ARG A 268 22.69 12.50 8.79
N SER A 269 23.65 12.40 7.88
CA SER A 269 24.51 13.53 7.54
C SER A 269 24.00 14.44 6.42
N GLU A 270 23.02 13.96 5.66
CA GLU A 270 22.45 14.74 4.56
C GLU A 270 20.93 14.79 4.60
N PRO A 271 20.37 15.54 5.54
CA PRO A 271 18.90 15.62 5.63
C PRO A 271 18.21 16.10 4.34
N GLU A 272 18.91 16.87 3.52
CA GLU A 272 18.32 17.39 2.28
C GLU A 272 18.14 16.36 1.15
N ILE A 273 18.78 15.20 1.27
CA ILE A 273 18.62 14.19 0.24
C ILE A 273 17.57 13.17 0.70
N ARG A 274 17.06 13.35 1.90
CA ARG A 274 16.06 12.43 2.43
C ARG A 274 14.86 12.19 1.51
N PRO A 275 14.31 13.25 0.89
CA PRO A 275 13.15 13.00 0.01
C PRO A 275 13.47 12.02 -1.12
N ARG A 276 14.58 12.23 -1.81
CA ARG A 276 14.98 11.35 -2.90
C ARG A 276 15.29 9.93 -2.42
N ALA A 277 15.91 9.82 -1.25
CA ALA A 277 16.28 8.51 -0.70
C ALA A 277 15.04 7.67 -0.40
N ILE A 278 14.11 8.29 0.31
CA ILE A 278 12.86 7.64 0.68
C ILE A 278 12.12 7.12 -0.55
N ASP A 279 12.14 7.91 -1.62
CA ASP A 279 11.47 7.53 -2.86
C ASP A 279 12.17 6.29 -3.43
N GLU A 280 13.50 6.21 -3.30
CA GLU A 280 14.23 5.05 -3.80
C GLU A 280 13.85 3.88 -2.90
N LEU A 281 13.75 4.13 -1.60
CA LEU A 281 13.36 3.08 -0.67
C LEU A 281 11.95 2.58 -1.02
N LEU A 282 11.07 3.51 -1.38
CA LEU A 282 9.72 3.14 -1.77
C LEU A 282 9.73 2.24 -3.00
N ARG A 283 10.65 2.49 -3.92
CA ARG A 283 10.75 1.67 -5.12
C ARG A 283 11.20 0.26 -4.77
N TRP A 284 12.26 0.18 -3.97
CA TRP A 284 12.86 -1.09 -3.58
C TRP A 284 12.04 -1.97 -2.64
N ILE A 285 11.54 -1.38 -1.56
CA ILE A 285 10.77 -2.13 -0.59
C ILE A 285 9.63 -2.99 -1.18
N PRO A 286 9.62 -4.30 -0.86
CA PRO A 286 8.56 -5.19 -1.37
C PRO A 286 7.35 -4.99 -0.45
N HIS A 287 6.53 -4.00 -0.80
CA HIS A 287 5.37 -3.61 -0.01
C HIS A 287 4.33 -4.69 0.31
N ARG A 288 4.15 -5.65 -0.58
CA ARG A 288 3.14 -6.67 -0.36
C ARG A 288 3.57 -8.08 -0.71
N ASN A 289 2.70 -9.02 -0.37
CA ASN A 289 2.90 -10.43 -0.67
C ASN A 289 2.13 -10.66 -1.96
N ALA A 290 2.75 -11.38 -2.88
CA ALA A 290 2.12 -11.70 -4.16
C ALA A 290 1.54 -10.47 -4.85
N VAL A 291 0.31 -10.61 -5.31
CA VAL A 291 -0.40 -9.54 -6.00
C VAL A 291 -1.73 -9.27 -5.30
N GLY A 292 -2.37 -8.15 -5.63
CA GLY A 292 -3.61 -7.78 -4.97
C GLY A 292 -4.94 -7.94 -5.67
N LEU A 293 -5.31 -6.96 -6.48
CA LEU A 293 -6.60 -7.02 -7.18
C LEU A 293 -6.43 -7.02 -8.70
N SER A 294 -6.93 -8.09 -9.32
CA SER A 294 -6.84 -8.27 -10.76
C SER A 294 -7.78 -7.36 -11.53
N ARG A 295 -7.65 -7.44 -12.85
CA ARG A 295 -8.48 -6.68 -13.77
C ARG A 295 -8.91 -7.71 -14.80
N ILE A 296 -10.10 -7.56 -15.37
CA ILE A 296 -10.60 -8.49 -16.38
C ILE A 296 -10.46 -7.90 -17.78
N ALA A 297 -10.07 -8.74 -18.74
CA ALA A 297 -9.93 -8.28 -20.12
C ALA A 297 -11.35 -8.11 -20.67
N LEU A 298 -11.72 -6.91 -21.06
CA LEU A 298 -13.08 -6.67 -21.57
C LEU A 298 -13.19 -7.02 -23.05
N GLU A 299 -12.07 -7.43 -23.62
CA GLU A 299 -11.98 -7.85 -25.02
C GLU A 299 -10.59 -8.45 -25.17
N ASP A 300 -10.38 -9.20 -26.25
CA ASP A 300 -9.09 -9.83 -26.46
C ASP A 300 -7.96 -8.81 -26.60
N VAL A 301 -6.85 -9.06 -25.91
CA VAL A 301 -5.69 -8.18 -25.95
C VAL A 301 -4.40 -8.99 -26.02
N GLU A 302 -3.53 -8.64 -26.96
CA GLU A 302 -2.27 -9.35 -27.10
C GLU A 302 -1.11 -8.61 -26.46
N ILE A 303 -0.45 -9.28 -25.52
CA ILE A 303 0.69 -8.69 -24.84
C ILE A 303 1.90 -9.60 -25.00
N LYS A 304 2.98 -9.05 -25.56
CA LYS A 304 4.22 -9.78 -25.77
C LYS A 304 4.02 -11.14 -26.46
N GLY A 305 3.22 -11.14 -27.51
CA GLY A 305 2.97 -12.37 -28.26
C GLY A 305 1.98 -13.34 -27.64
N VAL A 306 1.33 -12.92 -26.56
CA VAL A 306 0.36 -13.78 -25.90
C VAL A 306 -1.04 -13.20 -25.96
N ARG A 307 -2.01 -14.02 -26.39
CA ARG A 307 -3.39 -13.57 -26.49
C ARG A 307 -4.16 -13.71 -25.19
N ILE A 308 -4.53 -12.58 -24.61
CA ILE A 308 -5.32 -12.59 -23.38
C ILE A 308 -6.77 -12.49 -23.86
N ARG A 309 -7.56 -13.52 -23.59
CA ARG A 309 -8.95 -13.55 -24.04
C ARG A 309 -9.92 -12.77 -23.14
N ALA A 310 -10.96 -12.23 -23.76
CA ALA A 310 -11.97 -11.48 -23.02
C ALA A 310 -12.47 -12.41 -21.93
N GLY A 311 -12.63 -11.88 -20.72
CA GLY A 311 -13.09 -12.71 -19.63
C GLY A 311 -11.93 -13.22 -18.78
N ASP A 312 -10.73 -13.17 -19.34
CA ASP A 312 -9.54 -13.61 -18.61
C ASP A 312 -9.16 -12.57 -17.54
N ALA A 313 -8.72 -13.06 -16.39
CA ALA A 313 -8.30 -12.21 -15.29
C ALA A 313 -6.80 -11.96 -15.50
N VAL A 314 -6.36 -10.75 -15.17
CA VAL A 314 -4.95 -10.39 -15.34
C VAL A 314 -4.46 -9.59 -14.15
N TYR A 315 -3.34 -10.02 -13.57
CA TYR A 315 -2.73 -9.31 -12.44
C TYR A 315 -1.46 -8.64 -12.94
N VAL A 316 -1.09 -7.57 -12.25
CA VAL A 316 0.17 -6.90 -12.58
C VAL A 316 0.91 -6.96 -11.26
N SER A 317 2.23 -6.96 -11.31
CA SER A 317 3.01 -6.95 -10.07
C SER A 317 3.82 -5.68 -10.07
N TYR A 318 3.43 -4.72 -9.25
CA TYR A 318 4.16 -3.46 -9.18
C TYR A 318 5.56 -3.72 -8.63
N LEU A 319 5.67 -4.68 -7.72
CA LEU A 319 6.96 -5.04 -7.14
C LEU A 319 7.95 -5.49 -8.22
N ALA A 320 7.48 -6.35 -9.12
CA ALA A 320 8.32 -6.83 -10.21
C ALA A 320 8.65 -5.71 -11.19
N ALA A 321 7.67 -4.87 -11.49
CA ALA A 321 7.88 -3.76 -12.40
C ALA A 321 9.02 -2.87 -11.86
N ASN A 322 9.05 -2.70 -10.54
CA ASN A 322 10.07 -1.88 -9.89
C ASN A 322 11.47 -2.50 -9.93
N ARG A 323 11.56 -3.72 -10.42
CA ARG A 323 12.85 -4.42 -10.54
C ARG A 323 13.20 -4.65 -12.01
N ASP A 324 12.46 -3.98 -12.90
CA ASP A 324 12.71 -4.10 -14.33
C ASP A 324 14.13 -3.61 -14.60
N PRO A 325 15.03 -4.52 -15.02
CA PRO A 325 16.43 -4.18 -15.31
C PRO A 325 16.58 -3.09 -16.36
N GLU A 326 15.68 -3.11 -17.34
CA GLU A 326 15.69 -2.16 -18.44
C GLU A 326 15.31 -0.74 -17.99
N VAL A 327 14.51 -0.65 -16.92
CA VAL A 327 14.06 0.64 -16.41
C VAL A 327 14.90 1.10 -15.23
N PHE A 328 15.32 0.16 -14.39
CA PHE A 328 16.15 0.48 -13.23
C PHE A 328 17.40 -0.40 -13.27
N PRO A 329 18.48 0.07 -13.91
CA PRO A 329 19.72 -0.71 -14.00
C PRO A 329 20.18 -1.15 -12.61
N ASP A 330 20.58 -2.41 -12.47
CA ASP A 330 21.02 -2.92 -11.18
C ASP A 330 19.85 -2.68 -10.22
N PRO A 331 18.68 -3.28 -10.53
CA PRO A 331 17.43 -3.17 -9.76
C PRO A 331 17.49 -3.48 -8.28
N ASP A 332 18.19 -4.55 -7.92
CA ASP A 332 18.28 -4.96 -6.53
C ASP A 332 19.16 -4.04 -5.69
N ARG A 333 19.80 -3.08 -6.33
CA ARG A 333 20.66 -2.15 -5.61
C ARG A 333 19.94 -0.88 -5.21
N ILE A 334 20.11 -0.51 -3.94
CA ILE A 334 19.49 0.69 -3.40
C ILE A 334 20.40 1.89 -3.66
N ASP A 335 19.98 2.77 -4.57
CA ASP A 335 20.77 3.96 -4.90
C ASP A 335 19.96 5.22 -4.71
N PHE A 336 20.18 5.88 -3.57
CA PHE A 336 19.47 7.12 -3.25
C PHE A 336 19.61 8.17 -4.35
N GLU A 337 20.58 7.97 -5.23
CA GLU A 337 20.81 8.91 -6.33
C GLU A 337 20.06 8.50 -7.60
N ARG A 338 19.80 7.20 -7.73
CA ARG A 338 19.10 6.63 -8.89
C ARG A 338 18.40 7.67 -9.76
N SER A 339 18.79 7.69 -11.03
CA SER A 339 18.26 8.61 -12.06
C SER A 339 16.85 9.17 -11.79
N PRO A 340 15.89 9.04 -12.75
CA PRO A 340 14.60 9.62 -12.34
C PRO A 340 13.67 8.58 -11.73
N ASN A 341 14.10 7.32 -11.78
CA ASN A 341 13.34 6.17 -11.28
C ASN A 341 11.82 6.35 -11.15
N PRO A 342 11.10 6.02 -12.22
CA PRO A 342 9.64 6.11 -12.28
C PRO A 342 9.04 4.84 -11.67
N HIS A 343 9.26 4.62 -10.38
CA HIS A 343 8.73 3.41 -9.76
C HIS A 343 7.21 3.45 -9.69
N VAL A 344 6.59 2.29 -9.53
CA VAL A 344 5.13 2.17 -9.46
C VAL A 344 4.66 1.52 -8.16
N SER A 345 5.36 1.79 -7.07
CA SER A 345 4.96 1.23 -5.80
C SER A 345 3.61 1.81 -5.39
N PHE A 346 3.28 2.98 -5.91
CA PHE A 346 1.99 3.59 -5.62
C PHE A 346 1.00 3.29 -6.75
N GLY A 347 1.28 2.25 -7.52
CA GLY A 347 0.41 1.87 -8.61
C GLY A 347 0.49 2.73 -9.86
N PHE A 348 -0.38 2.45 -10.81
CA PHE A 348 -0.41 3.18 -12.07
C PHE A 348 -1.84 3.20 -12.63
N GLY A 349 -2.08 4.10 -13.58
CA GLY A 349 -3.40 4.17 -14.18
C GLY A 349 -4.39 4.91 -13.31
N PRO A 350 -5.70 4.80 -13.62
CA PRO A 350 -6.73 5.48 -12.83
C PRO A 350 -6.74 5.12 -11.36
N HIS A 351 -6.42 3.86 -11.04
CA HIS A 351 -6.43 3.41 -9.65
C HIS A 351 -5.17 3.72 -8.87
N TYR A 352 -4.26 4.51 -9.43
CA TYR A 352 -3.04 4.83 -8.73
C TYR A 352 -3.41 5.35 -7.34
N CYS A 353 -2.55 5.07 -6.38
CA CYS A 353 -2.77 5.42 -4.98
C CYS A 353 -2.99 6.91 -4.66
N PRO A 354 -4.20 7.27 -4.21
CA PRO A 354 -4.39 8.69 -3.89
C PRO A 354 -3.55 9.11 -2.69
N GLY A 355 -3.14 8.15 -1.88
CA GLY A 355 -2.34 8.46 -0.70
C GLY A 355 -0.85 8.54 -0.91
N GLY A 356 -0.40 8.52 -2.17
CA GLY A 356 1.03 8.57 -2.45
C GLY A 356 1.80 9.72 -1.85
N MET A 357 1.32 10.94 -2.09
CA MET A 357 1.99 12.10 -1.54
C MET A 357 1.93 12.12 -0.02
N LEU A 358 0.79 11.75 0.55
CA LEU A 358 0.67 11.72 2.00
C LEU A 358 1.64 10.69 2.60
N ALA A 359 1.83 9.57 1.93
CA ALA A 359 2.72 8.53 2.39
C ALA A 359 4.18 9.03 2.39
N ARG A 360 4.54 9.77 1.35
CA ARG A 360 5.90 10.29 1.28
C ARG A 360 6.08 11.36 2.36
N LEU A 361 5.05 12.15 2.61
CA LEU A 361 5.14 13.18 3.63
C LEU A 361 5.33 12.50 5.00
N GLU A 362 4.55 11.47 5.25
CA GLU A 362 4.64 10.74 6.52
C GLU A 362 6.00 10.06 6.67
N SER A 363 6.50 9.46 5.59
CA SER A 363 7.79 8.78 5.64
C SER A 363 8.93 9.77 5.90
N GLU A 364 8.81 10.97 5.32
CA GLU A 364 9.82 12.00 5.50
C GLU A 364 9.80 12.55 6.92
N LEU A 365 8.61 12.74 7.49
CA LEU A 365 8.53 13.24 8.85
C LEU A 365 9.07 12.19 9.81
N LEU A 366 8.80 10.92 9.51
CA LEU A 366 9.26 9.82 10.34
C LEU A 366 10.79 9.70 10.30
N VAL A 367 11.38 9.80 9.12
CA VAL A 367 12.83 9.68 8.97
C VAL A 367 13.54 10.78 9.76
N ASP A 368 13.04 12.02 9.66
CA ASP A 368 13.65 13.13 10.39
C ASP A 368 13.62 12.86 11.89
N ALA A 369 12.43 12.56 12.40
CA ALA A 369 12.26 12.31 13.84
C ALA A 369 13.08 11.14 14.37
N VAL A 370 12.96 9.98 13.72
CA VAL A 370 13.67 8.79 14.16
C VAL A 370 15.19 8.96 14.12
N LEU A 371 15.71 9.63 13.10
CA LEU A 371 17.16 9.83 12.95
C LEU A 371 17.76 10.98 13.76
N ASP A 372 17.12 12.15 13.75
CA ASP A 372 17.67 13.33 14.47
C ASP A 372 17.05 13.64 15.83
N ARG A 373 16.02 12.92 16.22
CA ARG A 373 15.37 13.17 17.50
C ARG A 373 15.75 12.13 18.54
N VAL A 374 16.10 10.94 18.07
CA VAL A 374 16.49 9.85 18.96
C VAL A 374 18.00 9.66 18.85
N PRO A 375 18.75 9.94 19.94
CA PRO A 375 20.21 9.79 19.91
C PRO A 375 20.69 8.36 19.70
N GLY A 376 21.27 8.11 18.53
CA GLY A 376 21.81 6.80 18.22
C GLY A 376 20.87 5.61 18.35
N LEU A 377 19.70 5.70 17.73
CA LEU A 377 18.75 4.60 17.77
C LEU A 377 19.35 3.44 16.98
N LYS A 378 19.10 2.21 17.42
CA LYS A 378 19.60 1.03 16.73
C LYS A 378 18.73 -0.17 17.09
N LEU A 379 18.78 -1.22 16.27
CA LEU A 379 18.02 -2.42 16.53
C LEU A 379 18.43 -2.97 17.89
N ALA A 380 17.47 -3.42 18.68
CA ALA A 380 17.77 -3.96 19.99
C ALA A 380 18.11 -5.44 19.85
N VAL A 381 18.03 -5.93 18.62
CA VAL A 381 18.31 -7.32 18.34
C VAL A 381 18.99 -7.47 16.97
N ALA A 382 19.48 -8.66 16.69
CA ALA A 382 20.12 -8.93 15.42
C ALA A 382 19.04 -8.80 14.34
N PRO A 383 19.38 -8.17 13.20
CA PRO A 383 18.49 -7.93 12.06
C PRO A 383 17.52 -9.05 11.68
N GLU A 384 17.99 -10.29 11.66
CA GLU A 384 17.12 -11.41 11.30
C GLU A 384 16.18 -11.84 12.42
N ASP A 385 16.44 -11.33 13.63
CA ASP A 385 15.60 -11.65 14.78
C ASP A 385 14.37 -10.74 14.83
N VAL A 386 14.33 -9.74 13.96
CA VAL A 386 13.18 -8.83 13.90
C VAL A 386 12.00 -9.58 13.30
N PRO A 387 10.92 -9.76 14.07
CA PRO A 387 9.73 -10.47 13.59
C PRO A 387 8.96 -9.72 12.50
N PHE A 388 8.59 -10.43 11.45
CA PHE A 388 7.81 -9.85 10.35
C PHE A 388 6.45 -10.51 10.26
N LYS A 389 5.43 -9.70 10.04
CA LYS A 389 4.06 -10.18 9.94
C LYS A 389 3.90 -11.50 9.19
N LYS A 390 3.47 -12.51 9.93
CA LYS A 390 3.24 -13.84 9.37
C LYS A 390 1.80 -13.83 8.89
N GLY A 391 1.62 -14.16 7.61
CA GLY A 391 0.28 -14.14 7.07
C GLY A 391 -0.16 -12.69 7.05
N ALA A 392 -0.05 -12.05 5.90
CA ALA A 392 -0.45 -10.66 5.74
C ALA A 392 -0.50 -10.32 4.26
N LEU A 393 -1.15 -9.21 3.94
CA LEU A 393 -1.25 -8.77 2.55
C LEU A 393 -0.16 -7.75 2.36
N ILE A 394 -0.05 -6.83 3.31
CA ILE A 394 0.99 -5.81 3.24
C ILE A 394 2.14 -6.26 4.16
N ARG A 395 3.26 -6.62 3.56
CA ARG A 395 4.42 -7.07 4.33
C ARG A 395 4.93 -5.98 5.25
N GLY A 396 5.65 -6.38 6.30
CA GLY A 396 6.18 -5.41 7.23
C GLY A 396 6.46 -6.00 8.59
N PRO A 397 7.25 -5.31 9.43
CA PRO A 397 7.59 -5.78 10.78
C PRO A 397 6.39 -6.08 11.66
N GLU A 398 6.50 -7.14 12.47
CA GLU A 398 5.44 -7.49 13.41
C GLU A 398 5.67 -6.54 14.58
N ALA A 399 6.95 -6.27 14.81
CA ALA A 399 7.41 -5.37 15.86
C ALA A 399 8.85 -5.01 15.51
N LEU A 400 9.28 -3.82 15.88
CA LEU A 400 10.63 -3.39 15.57
C LEU A 400 11.36 -3.00 16.85
N PRO A 401 11.99 -3.98 17.52
CA PRO A 401 12.72 -3.73 18.77
C PRO A 401 13.90 -2.78 18.57
N VAL A 402 13.91 -1.68 19.32
CA VAL A 402 14.99 -0.71 19.20
C VAL A 402 15.45 -0.21 20.56
N THR A 403 16.57 0.50 20.56
CA THR A 403 17.17 1.09 21.76
C THR A 403 17.99 2.27 21.30
N TRP A 404 18.39 3.14 22.23
CA TRP A 404 19.19 4.30 21.85
C TRP A 404 20.18 4.73 22.94
N ALA A 405 21.05 5.67 22.58
CA ALA A 405 22.11 6.16 23.46
C ALA A 405 21.68 6.74 24.80
N ALA A 406 20.46 7.26 24.88
CA ALA A 406 19.98 7.83 26.13
C ALA A 406 20.27 6.90 27.30
N ALA A 407 19.55 5.79 27.32
CA ALA A 407 19.70 4.78 28.38
C ALA A 407 19.76 3.39 27.77
CHA HEM B . -4.33 1.89 -3.87
CHB HEM B . 0.29 1.45 -2.54
CHC HEM B . -0.47 4.50 1.11
CHD HEM B . -5.09 4.92 -0.19
C1A HEM B . -3.02 1.49 -3.86
C2A HEM B . -2.37 0.56 -4.79
C3A HEM B . -1.08 0.44 -4.41
C4A HEM B . -0.87 1.29 -3.25
CMA HEM B . -0.01 -0.43 -5.06
CAA HEM B . -3.08 -0.19 -5.97
CBA HEM B . -3.30 0.55 -7.29
CGA HEM B . -4.19 -0.28 -8.23
O1A HEM B . -3.61 -0.75 -9.28
O2A HEM B . -5.36 -0.47 -7.94
C1B HEM B . 0.49 2.24 -1.43
C2B HEM B . 1.76 2.34 -0.71
C3B HEM B . 1.53 3.21 0.33
C4B HEM B . 0.16 3.63 0.24
CMB HEM B . 3.05 1.60 -1.11
CAB HEM B . 2.47 3.72 1.46
CBB HEM B . 3.98 3.84 1.15
C1C HEM B . -1.79 4.89 1.05
C2C HEM B . -2.40 5.81 2.01
C3C HEM B . -3.70 5.93 1.66
C4C HEM B . -3.91 5.10 0.49
CMC HEM B . -1.63 6.48 3.19
CAC HEM B . -4.82 6.76 2.33
CBC HEM B . -4.68 8.26 2.20
C1D HEM B . -5.32 4.15 -1.30
C2D HEM B . -6.58 3.97 -1.99
C3D HEM B . -6.36 3.13 -3.03
C4D HEM B . -4.97 2.76 -2.99
CMD HEM B . -7.92 4.64 -1.58
CAD HEM B . -7.41 2.65 -4.05
CBD HEM B . -7.42 3.62 -5.29
CGD HEM B . -8.43 3.22 -6.36
O1D HEM B . -8.71 2.02 -6.54
O2D HEM B . -8.91 4.20 -7.00
NA HEM B . -2.08 1.92 -2.94
NB HEM B . -0.47 3.03 -0.82
NC HEM B . -2.72 4.48 0.14
ND HEM B . -4.32 3.38 -1.94
FE HEM B . -2.39 3.23 -1.41
OAB FLV C . -5.16 -3.58 -5.88
CAM FLV C . -4.11 -3.61 -5.23
CAN FLV C . -3.98 -2.82 -4.08
CAH FLV C . -5.03 -2.02 -3.65
CAI FLV C . -4.88 -1.21 -2.54
OAC FLV C . -5.90 -0.38 -2.16
CAF FLV C . -3.68 -1.20 -1.84
CAK FLV C . -2.63 -2.00 -2.26
OAE FLV C . -1.45 -1.95 -1.58
CAO FLV C . -2.77 -2.81 -3.38
CAL FLV C . -1.70 -3.59 -3.84
OAA FLV C . -0.63 -3.60 -3.23
CAG FLV C . -1.83 -4.37 -4.98
CAJ FLV C . -3.04 -4.37 -5.69
OAD FLV C . -3.17 -5.12 -6.82
OAB FLV D . -3.72 -6.09 0.08
CAM FLV D . -4.72 -5.98 -0.63
CAN FLV D . -5.49 -4.81 -0.57
CAH FLV D . -5.15 -3.80 0.31
CAI FLV D . -5.90 -2.64 0.39
OAC FLV D . -5.55 -1.65 1.24
CAF FLV D . -7.03 -2.50 -0.43
CAK FLV D . -7.37 -3.50 -1.32
OAE FLV D . -8.48 -3.34 -2.11
CAO FLV D . -6.61 -4.67 -1.39
CAL FLV D . -6.96 -5.70 -2.27
OAA FLV D . -7.93 -5.58 -3.03
CAG FLV D . -6.19 -6.85 -2.33
CAJ FLV D . -5.08 -7.00 -1.51
OAD FLV D . -4.33 -8.13 -1.56
O1 OXY E . -3.14 1.30 0.38
O2 OXY E . -3.55 2.09 -0.42
#